data_1PUE
#
_entry.id   1PUE
#
_cell.length_a   89.100
_cell.length_b   101.900
_cell.length_c   55.600
_cell.angle_alpha   90.00
_cell.angle_beta   111.20
_cell.angle_gamma   90.00
#
_symmetry.space_group_name_H-M   'C 1 2 1'
#
loop_
_entity.id
_entity.type
_entity.pdbx_description
1 polymer "DNA (5'-D(*AP*AP*AP*AP*AP*GP*GP*GP*GP*AP*AP*GP*TP*GP*GP*G)-3')"
2 polymer "DNA (5'-D(*TP*CP*CP*CP*AP*CP*TP*TP*CP*CP*CP*CP*TP*TP*TP*T)-3')"
3 polymer 'PROTEIN (TRANSCRIPTION FACTOR PU.1 (TF PU.1))'
4 water water
#
loop_
_entity_poly.entity_id
_entity_poly.type
_entity_poly.pdbx_seq_one_letter_code
_entity_poly.pdbx_strand_id
1 'polydeoxyribonucleotide' (DA)(DA)(DA)(DA)(DA)(DG)(DG)(DG)(DG)(DA)(DA)(DG)(DT)(DG)(DG)(DG) A,C
2 'polydeoxyribonucleotide' (DT)(DC)(DC)(DC)(DA)(DC)(DT)(DT)(DC)(DC)(DC)(DC)(DT)(DT)(DT)(DT) B,D
3 'polypeptide(L)'
;KIRLYQFLLDLLRSGDMKDSIWWVDKDKGTFQFSSKHKEALAHRWGIQKGNRKKMTYEKMARALRNYGKTGEVKKVKKKL
TYQFSGEVL
;
E,F
#
# COMPACT_ATOMS: atom_id res chain seq x y z
N LYS E 1 16.72 37.36 11.79
CA LYS E 1 16.32 35.93 11.98
C LYS E 1 16.76 35.19 10.71
N ILE E 2 16.85 33.87 10.80
CA ILE E 2 17.26 33.04 9.68
C ILE E 2 16.31 33.06 8.44
N ARG E 3 16.87 32.88 7.24
CA ARG E 3 16.10 32.88 6.01
C ARG E 3 15.79 31.44 5.68
N LEU E 4 14.63 31.21 5.08
CA LEU E 4 14.22 29.86 4.72
C LEU E 4 15.27 29.12 3.89
N TYR E 5 15.82 29.75 2.86
CA TYR E 5 16.81 29.05 2.04
C TYR E 5 18.02 28.61 2.81
N GLN E 6 18.47 29.40 3.79
CA GLN E 6 19.62 28.98 4.61
C GLN E 6 19.24 27.79 5.48
N PHE E 7 18.07 27.88 6.10
CA PHE E 7 17.55 26.79 6.93
C PHE E 7 17.68 25.47 6.18
N LEU E 8 17.14 25.44 4.96
CA LEU E 8 17.18 24.25 4.11
C LEU E 8 18.61 23.81 3.74
N LEU E 9 19.46 24.77 3.36
CA LEU E 9 20.86 24.48 2.97
C LEU E 9 21.65 23.94 4.16
N ASP E 10 21.50 24.59 5.30
CA ASP E 10 22.18 24.15 6.50
C ASP E 10 21.80 22.71 6.82
N LEU E 11 20.57 22.32 6.51
CA LEU E 11 20.12 20.95 6.80
C LEU E 11 20.79 19.94 5.87
N LEU E 12 20.82 20.26 4.56
CA LEU E 12 21.44 19.43 3.50
C LEU E 12 22.91 19.19 3.74
N ARG E 13 23.61 20.26 4.03
CA ARG E 13 25.04 20.19 4.33
C ARG E 13 25.42 19.57 5.71
N SER E 14 24.45 19.42 6.62
CA SER E 14 24.68 18.84 7.94
C SER E 14 24.40 17.38 7.83
N GLY E 15 23.26 17.10 7.23
CA GLY E 15 22.78 15.75 7.10
C GLY E 15 21.58 15.34 7.98
N ASP E 16 20.97 16.18 8.85
CA ASP E 16 19.80 15.70 9.68
C ASP E 16 18.67 15.83 8.65
N MET E 17 17.62 15.08 8.92
CA MET E 17 16.45 15.07 8.09
C MET E 17 16.61 14.42 6.72
N LYS E 18 17.37 13.34 6.64
CA LYS E 18 17.53 12.66 5.36
C LYS E 18 16.26 11.87 4.98
N ASP E 19 15.26 11.85 5.87
CA ASP E 19 14.01 11.19 5.55
C ASP E 19 13.12 12.20 4.89
N SER E 20 13.34 13.46 5.21
CA SER E 20 12.58 14.59 4.71
C SER E 20 13.12 15.32 3.46
N ILE E 21 14.44 15.41 3.34
CA ILE E 21 15.07 16.12 2.24
C ILE E 21 16.46 15.55 1.96
N TRP E 22 16.91 15.67 0.71
CA TRP E 22 18.22 15.16 0.27
C TRP E 22 18.63 15.80 -1.06
N TRP E 23 19.93 15.65 -1.39
CA TRP E 23 20.46 16.16 -2.65
C TRP E 23 20.06 15.23 -3.77
N VAL E 24 19.53 15.81 -4.83
CA VAL E 24 19.18 15.05 -6.04
C VAL E 24 20.51 15.07 -6.88
N ASP E 25 21.10 16.26 -7.03
CA ASP E 25 22.37 16.44 -7.73
C ASP E 25 23.09 17.54 -6.96
N LYS E 26 23.92 17.11 -6.03
CA LYS E 26 24.66 18.01 -5.15
C LYS E 26 25.45 19.10 -5.84
N ASP E 27 26.31 18.69 -6.77
CA ASP E 27 27.17 19.61 -7.51
C ASP E 27 26.35 20.69 -8.19
N LYS E 28 25.19 20.29 -8.70
CA LYS E 28 24.27 21.21 -9.37
C LYS E 28 23.36 21.99 -8.43
N GLY E 29 23.25 21.53 -7.18
CA GLY E 29 22.41 22.23 -6.22
C GLY E 29 20.94 21.81 -6.20
N THR E 30 20.62 20.63 -6.75
CA THR E 30 19.26 20.13 -6.81
C THR E 30 18.97 19.22 -5.59
N PHE E 31 17.91 19.56 -4.85
CA PHE E 31 17.51 18.86 -3.63
C PHE E 31 16.04 18.50 -3.75
N GLN E 32 15.61 17.43 -3.11
CA GLN E 32 14.22 16.99 -3.21
C GLN E 32 13.60 16.70 -1.84
N PHE E 33 12.28 16.90 -1.72
CA PHE E 33 11.58 16.64 -0.46
C PHE E 33 10.97 15.25 -0.55
N SER E 34 10.71 14.65 0.61
CA SER E 34 10.08 13.35 0.69
C SER E 34 8.57 13.60 0.75
N SER E 35 7.78 12.77 0.08
CA SER E 35 6.33 12.95 0.15
C SER E 35 5.79 12.74 1.57
N LYS E 36 6.15 11.59 2.14
CA LYS E 36 5.68 11.23 3.47
C LYS E 36 6.32 11.92 4.60
N HIS E 37 7.49 12.52 4.41
CA HIS E 37 8.15 13.15 5.54
C HIS E 37 8.44 14.61 5.45
N LYS E 38 7.96 15.26 4.41
CA LYS E 38 8.21 16.68 4.26
C LYS E 38 7.60 17.52 5.36
N GLU E 39 6.41 17.11 5.86
CA GLU E 39 5.69 17.84 6.92
C GLU E 39 6.46 18.02 8.22
N ALA E 40 7.29 17.04 8.57
CA ALA E 40 8.07 17.08 9.79
C ALA E 40 9.16 18.13 9.71
N LEU E 41 9.65 18.35 8.49
CA LEU E 41 10.66 19.35 8.17
C LEU E 41 10.00 20.74 8.19
N ALA E 42 8.80 20.81 7.62
CA ALA E 42 8.05 22.06 7.53
C ALA E 42 7.63 22.52 8.88
N HIS E 43 7.30 21.58 9.76
CA HIS E 43 6.88 21.94 11.11
C HIS E 43 8.06 22.48 11.92
N ARG E 44 9.24 21.91 11.71
CA ARG E 44 10.44 22.36 12.41
C ARG E 44 10.75 23.80 11.96
N TRP E 45 10.48 24.10 10.71
CA TRP E 45 10.72 25.46 10.19
C TRP E 45 9.87 26.47 11.00
N GLY E 46 8.59 26.15 11.18
CA GLY E 46 7.71 27.01 11.93
C GLY E 46 8.09 27.10 13.39
N ILE E 47 8.39 25.99 14.05
CA ILE E 47 8.74 26.02 15.47
C ILE E 47 9.91 26.98 15.63
N GLN E 48 10.90 26.86 14.75
CA GLN E 48 12.07 27.70 14.79
C GLN E 48 11.77 29.16 14.51
N LYS E 49 10.83 29.42 13.61
CA LYS E 49 10.46 30.78 13.30
C LYS E 49 9.62 31.45 14.38
N GLY E 50 9.01 30.65 15.23
CA GLY E 50 8.20 31.22 16.28
C GLY E 50 6.88 31.75 15.74
N ASN E 51 6.38 31.09 14.69
CA ASN E 51 5.12 31.48 14.05
C ASN E 51 3.99 31.11 15.00
N ARG E 52 2.89 31.87 14.99
CA ARG E 52 1.75 31.60 15.88
C ARG E 52 0.93 30.45 15.41
N LYS E 53 1.01 30.13 14.14
CA LYS E 53 0.28 28.99 13.61
C LYS E 53 1.29 27.92 13.20
N LYS E 54 0.81 26.71 12.94
CA LYS E 54 1.64 25.59 12.56
C LYS E 54 2.02 25.55 11.08
N MET E 55 3.32 25.36 10.83
CA MET E 55 3.83 25.30 9.49
C MET E 55 3.59 23.97 8.81
N THR E 56 3.08 24.10 7.59
CA THR E 56 2.79 23.01 6.68
C THR E 56 3.72 23.11 5.45
N TYR E 57 3.81 22.03 4.69
CA TYR E 57 4.65 22.05 3.51
C TYR E 57 4.08 22.99 2.49
N GLU E 58 2.74 23.04 2.40
CA GLU E 58 2.05 23.91 1.48
C GLU E 58 2.45 25.37 1.70
N LYS E 59 2.39 25.81 2.95
CA LYS E 59 2.77 27.19 3.27
C LYS E 59 4.26 27.42 3.07
N MET E 60 5.08 26.40 3.31
CA MET E 60 6.52 26.52 3.12
C MET E 60 6.86 26.64 1.64
N ALA E 61 6.23 25.84 0.77
CA ALA E 61 6.46 25.93 -0.66
C ALA E 61 5.96 27.29 -1.17
N ARG E 62 4.88 27.83 -0.58
CA ARG E 62 4.35 29.14 -0.94
C ARG E 62 5.46 30.19 -0.82
N ALA E 63 6.20 30.12 0.28
CA ALA E 63 7.29 31.04 0.53
C ALA E 63 8.46 30.72 -0.45
N LEU E 64 8.70 29.44 -0.65
CA LEU E 64 9.75 28.92 -1.52
C LEU E 64 9.56 29.46 -2.92
N ARG E 65 8.30 29.52 -3.37
CA ARG E 65 8.01 30.00 -4.72
C ARG E 65 8.40 31.46 -4.86
N ASN E 66 8.47 32.18 -3.76
CA ASN E 66 8.88 33.56 -3.87
C ASN E 66 10.36 33.79 -4.25
N TYR E 67 11.19 32.81 -3.98
CA TYR E 67 12.61 32.88 -4.29
C TYR E 67 12.83 32.76 -5.80
N GLY E 68 11.85 32.22 -6.49
CA GLY E 68 11.92 32.08 -7.92
C GLY E 68 11.82 33.44 -8.54
N LYS E 69 11.41 34.43 -7.76
CA LYS E 69 11.27 35.81 -8.23
C LYS E 69 12.59 36.53 -8.04
N THR E 70 13.30 36.20 -6.96
CA THR E 70 14.59 36.82 -6.68
C THR E 70 15.79 35.92 -7.03
N GLY E 71 15.51 34.71 -7.52
CA GLY E 71 16.55 33.80 -7.93
C GLY E 71 17.27 32.85 -6.99
N GLU E 72 17.06 32.97 -5.68
CA GLU E 72 17.76 32.13 -4.69
C GLU E 72 17.55 30.62 -4.85
N VAL E 73 16.34 30.23 -5.22
CA VAL E 73 15.98 28.83 -5.40
C VAL E 73 14.95 28.86 -6.48
N LYS E 74 14.98 27.84 -7.32
CA LYS E 74 14.06 27.70 -8.42
C LYS E 74 13.46 26.31 -8.38
N LYS E 75 12.25 26.19 -8.90
CA LYS E 75 11.57 24.90 -8.97
C LYS E 75 12.11 24.13 -10.17
N VAL E 76 12.42 22.85 -10.02
CA VAL E 76 12.82 22.09 -11.20
C VAL E 76 11.64 21.18 -11.52
N LYS E 77 11.47 20.89 -12.78
CA LYS E 77 10.35 20.08 -13.23
C LYS E 77 10.39 18.58 -12.84
N LYS E 78 10.55 18.30 -11.56
CA LYS E 78 10.57 16.94 -11.07
C LYS E 78 9.80 17.10 -9.76
N LYS E 79 9.07 16.05 -9.38
CA LYS E 79 8.24 16.02 -8.17
C LYS E 79 8.98 16.36 -6.88
N LEU E 80 8.63 17.48 -6.28
CA LEU E 80 9.21 17.95 -5.02
C LEU E 80 10.68 18.36 -5.09
N THR E 81 11.21 18.58 -6.29
CA THR E 81 12.61 18.98 -6.40
C THR E 81 12.78 20.45 -6.79
N TYR E 82 13.69 21.10 -6.08
CA TYR E 82 14.01 22.52 -6.23
C TYR E 82 15.51 22.63 -6.50
N GLN E 83 15.99 23.82 -6.79
CA GLN E 83 17.40 23.98 -7.08
C GLN E 83 17.94 25.32 -6.61
N PHE E 84 19.00 25.26 -5.80
CA PHE E 84 19.66 26.45 -5.27
C PHE E 84 20.44 27.15 -6.36
N SER E 85 20.57 28.47 -6.27
CA SER E 85 21.34 29.21 -7.26
C SER E 85 22.84 29.16 -6.92
N GLY E 86 23.68 29.60 -7.85
CA GLY E 86 25.13 29.66 -7.61
C GLY E 86 25.34 30.41 -6.31
N GLU E 87 25.30 29.57 -5.29
CA GLU E 87 25.41 29.89 -3.86
C GLU E 87 25.37 28.47 -3.22
N VAL E 88 25.17 27.48 -4.09
CA VAL E 88 25.16 26.04 -3.82
C VAL E 88 25.18 25.41 -5.20
N LYS F 1 -9.78 -7.52 3.65
CA LYS F 1 -10.57 -8.72 3.98
C LYS F 1 -10.61 -9.65 2.76
N ILE F 2 -11.81 -10.05 2.32
CA ILE F 2 -12.00 -10.95 1.18
C ILE F 2 -11.39 -12.32 1.60
N ARG F 3 -11.93 -12.86 2.69
CA ARG F 3 -11.44 -14.10 3.24
C ARG F 3 -11.83 -15.49 2.69
N LEU F 4 -13.06 -15.69 2.22
CA LEU F 4 -13.46 -17.04 1.77
C LEU F 4 -12.40 -17.82 1.01
N TYR F 5 -11.80 -17.22 0.00
CA TYR F 5 -10.79 -17.91 -0.79
C TYR F 5 -9.47 -18.20 -0.03
N GLN F 6 -9.19 -17.38 0.97
CA GLN F 6 -8.00 -17.57 1.78
C GLN F 6 -8.20 -18.80 2.65
N PHE F 7 -9.39 -18.87 3.24
CA PHE F 7 -9.84 -19.97 4.09
C PHE F 7 -9.56 -21.25 3.35
N LEU F 8 -9.94 -21.25 2.08
CA LEU F 8 -9.79 -22.41 1.24
C LEU F 8 -8.34 -22.64 0.80
N LEU F 9 -7.58 -21.56 0.64
CA LEU F 9 -6.20 -21.74 0.23
C LEU F 9 -5.47 -22.39 1.39
N ASP F 10 -5.71 -21.87 2.59
CA ASP F 10 -5.08 -22.39 3.80
C ASP F 10 -5.38 -23.85 4.15
N LEU F 11 -6.56 -24.33 3.80
CA LEU F 11 -6.90 -25.72 4.13
C LEU F 11 -6.20 -26.66 3.18
N LEU F 12 -5.98 -26.20 1.96
CA LEU F 12 -5.31 -26.98 0.92
C LEU F 12 -3.85 -27.11 1.30
N ARG F 13 -3.23 -25.95 1.47
CA ARG F 13 -1.83 -25.86 1.85
C ARG F 13 -1.48 -26.58 3.16
N SER F 14 -2.43 -26.62 4.09
CA SER F 14 -2.21 -27.30 5.36
C SER F 14 -2.60 -28.75 5.23
N GLY F 15 -2.89 -29.20 3.99
CA GLY F 15 -3.32 -30.57 3.76
C GLY F 15 -4.48 -30.91 4.69
N ASP F 16 -5.18 -29.84 5.06
CA ASP F 16 -6.31 -29.88 5.99
C ASP F 16 -7.63 -30.16 5.32
N MET F 17 -8.37 -31.06 5.96
CA MET F 17 -9.69 -31.50 5.54
C MET F 17 -9.63 -32.22 4.20
N LYS F 18 -8.61 -33.03 3.97
CA LYS F 18 -8.52 -33.70 2.68
C LYS F 18 -9.66 -34.66 2.28
N ASP F 19 -10.59 -34.90 3.20
CA ASP F 19 -11.73 -35.77 2.85
C ASP F 19 -12.79 -34.89 2.14
N SER F 20 -12.78 -33.59 2.46
CA SER F 20 -13.73 -32.62 1.93
C SER F 20 -13.28 -31.84 0.68
N ILE F 21 -12.04 -31.37 0.69
CA ILE F 21 -11.50 -30.58 -0.43
C ILE F 21 -10.04 -30.95 -0.74
N TRP F 22 -9.69 -31.02 -2.02
CA TRP F 22 -8.30 -31.34 -2.39
C TRP F 22 -7.84 -30.76 -3.70
N TRP F 23 -6.51 -30.65 -3.83
CA TRP F 23 -5.89 -30.15 -5.05
C TRP F 23 -6.08 -31.22 -6.09
N VAL F 24 -6.27 -30.82 -7.32
CA VAL F 24 -6.37 -31.78 -8.40
C VAL F 24 -5.25 -31.36 -9.37
N ASP F 25 -4.51 -30.33 -8.99
CA ASP F 25 -3.39 -29.81 -9.77
C ASP F 25 -2.87 -28.57 -9.04
N LYS F 26 -2.06 -28.82 -8.03
CA LYS F 26 -1.46 -27.79 -7.19
C LYS F 26 -0.79 -26.72 -8.03
N ASP F 27 -0.16 -27.20 -9.11
CA ASP F 27 0.58 -26.35 -10.04
C ASP F 27 -0.32 -25.39 -10.81
N LYS F 28 -1.50 -25.87 -11.22
CA LYS F 28 -2.45 -25.03 -11.93
C LYS F 28 -3.33 -24.29 -10.93
N GLY F 29 -3.40 -24.83 -9.70
CA GLY F 29 -4.21 -24.22 -8.65
C GLY F 29 -5.68 -24.64 -8.70
N THR F 30 -5.94 -25.83 -9.23
CA THR F 30 -7.27 -26.37 -9.36
C THR F 30 -7.56 -27.31 -8.18
N PHE F 31 -8.67 -27.03 -7.48
CA PHE F 31 -9.14 -27.80 -6.32
C PHE F 31 -10.57 -28.36 -6.54
N GLN F 32 -10.89 -29.48 -5.89
CA GLN F 32 -12.21 -30.10 -6.02
C GLN F 32 -12.81 -30.43 -4.66
N PHE F 33 -14.12 -30.20 -4.55
CA PHE F 33 -14.87 -30.47 -3.34
C PHE F 33 -15.41 -31.89 -3.37
N SER F 34 -15.56 -32.47 -2.19
CA SER F 34 -16.06 -33.82 -1.99
C SER F 34 -17.59 -33.79 -2.02
N SER F 35 -18.19 -34.67 -2.81
CA SER F 35 -19.64 -34.75 -2.91
C SER F 35 -20.28 -35.15 -1.57
N LYS F 36 -19.60 -36.07 -0.88
CA LYS F 36 -20.07 -36.59 0.39
C LYS F 36 -19.57 -35.82 1.57
N HIS F 37 -18.63 -34.90 1.37
CA HIS F 37 -18.12 -34.20 2.52
C HIS F 37 -18.00 -32.70 2.42
N LYS F 38 -18.47 -32.11 1.33
CA LYS F 38 -18.35 -30.67 1.18
C LYS F 38 -19.05 -29.87 2.25
N GLU F 39 -19.97 -30.49 2.98
CA GLU F 39 -20.70 -29.76 4.04
C GLU F 39 -19.98 -29.49 5.35
N ALA F 40 -19.09 -30.38 5.78
CA ALA F 40 -18.36 -30.16 7.05
C ALA F 40 -17.43 -28.98 6.91
N LEU F 41 -17.00 -28.77 5.67
CA LEU F 41 -16.12 -27.68 5.27
C LEU F 41 -16.96 -26.39 5.28
N ALA F 42 -18.11 -26.45 4.62
CA ALA F 42 -19.04 -25.32 4.53
C ALA F 42 -19.43 -24.95 5.92
N HIS F 43 -19.86 -25.94 6.69
CA HIS F 43 -20.27 -25.76 8.08
C HIS F 43 -19.13 -25.13 8.89
N ARG F 44 -17.89 -25.57 8.64
CA ARG F 44 -16.72 -25.04 9.35
C ARG F 44 -16.45 -23.60 9.00
N TRP F 45 -16.67 -23.24 7.73
CA TRP F 45 -16.50 -21.87 7.25
C TRP F 45 -17.37 -20.86 8.02
N GLY F 46 -18.65 -21.21 8.17
CA GLY F 46 -19.61 -20.35 8.88
C GLY F 46 -19.35 -20.27 10.37
N ILE F 47 -18.95 -21.39 10.98
CA ILE F 47 -18.64 -21.39 12.41
C ILE F 47 -17.55 -20.37 12.62
N GLN F 48 -16.60 -20.36 11.68
CA GLN F 48 -15.45 -19.45 11.67
C GLN F 48 -15.81 -17.96 11.57
N LYS F 49 -16.72 -17.65 10.66
CA LYS F 49 -17.18 -16.30 10.47
C LYS F 49 -18.11 -15.90 11.57
N GLY F 50 -18.68 -16.89 12.25
CA GLY F 50 -19.62 -16.60 13.32
C GLY F 50 -20.97 -16.11 12.79
N ASN F 51 -21.45 -16.77 11.75
CA ASN F 51 -22.71 -16.36 11.15
C ASN F 51 -23.85 -16.77 12.09
N ARG F 52 -25.06 -16.27 11.81
CA ARG F 52 -26.21 -16.59 12.63
C ARG F 52 -26.69 -17.97 12.25
N LYS F 53 -26.80 -18.20 10.94
CA LYS F 53 -27.30 -19.44 10.39
C LYS F 53 -26.23 -20.48 10.11
N LYS F 54 -26.66 -21.70 9.81
CA LYS F 54 -25.71 -22.75 9.49
C LYS F 54 -25.32 -22.56 8.02
N MET F 55 -24.01 -22.55 7.79
CA MET F 55 -23.45 -22.42 6.45
C MET F 55 -23.58 -23.73 5.71
N THR F 56 -23.91 -23.62 4.44
CA THR F 56 -24.09 -24.78 3.60
C THR F 56 -23.17 -24.59 2.42
N TYR F 57 -22.97 -25.65 1.66
CA TYR F 57 -22.17 -25.61 0.46
C TYR F 57 -22.82 -24.74 -0.59
N GLU F 58 -24.14 -24.72 -0.59
CA GLU F 58 -24.91 -23.92 -1.57
C GLU F 58 -24.75 -22.42 -1.30
N LYS F 59 -24.65 -22.06 -0.04
CA LYS F 59 -24.49 -20.67 0.31
C LYS F 59 -23.02 -20.30 0.15
N MET F 60 -22.12 -21.25 0.39
CA MET F 60 -20.70 -20.96 0.19
C MET F 60 -20.47 -20.83 -1.31
N ALA F 61 -21.06 -21.73 -2.08
CA ALA F 61 -20.92 -21.70 -3.53
C ALA F 61 -21.49 -20.42 -4.13
N ARG F 62 -22.57 -19.91 -3.55
CA ARG F 62 -23.15 -18.65 -4.02
C ARG F 62 -22.19 -17.45 -3.77
N ALA F 63 -21.41 -17.52 -2.70
CA ALA F 63 -20.43 -16.48 -2.36
C ALA F 63 -19.24 -16.62 -3.30
N LEU F 64 -18.88 -17.87 -3.60
CA LEU F 64 -17.77 -18.25 -4.48
C LEU F 64 -18.02 -17.67 -5.86
N ARG F 65 -19.27 -17.79 -6.33
CA ARG F 65 -19.64 -17.25 -7.63
C ARG F 65 -19.35 -15.76 -7.73
N ASN F 66 -19.35 -15.04 -6.62
CA ASN F 66 -19.09 -13.61 -6.71
C ASN F 66 -17.63 -13.27 -7.08
N TYR F 67 -16.76 -14.26 -6.95
CA TYR F 67 -15.35 -14.07 -7.28
C TYR F 67 -15.11 -14.18 -8.77
N GLY F 68 -16.07 -14.74 -9.50
CA GLY F 68 -15.96 -14.89 -10.94
C GLY F 68 -15.71 -13.53 -11.60
N LYS F 69 -16.21 -12.49 -10.95
CA LYS F 69 -16.07 -11.10 -11.40
C LYS F 69 -14.66 -10.60 -11.14
N THR F 70 -14.25 -10.63 -9.88
CA THR F 70 -12.94 -10.14 -9.49
C THR F 70 -11.75 -11.05 -9.79
N GLY F 71 -12.01 -12.31 -10.09
CA GLY F 71 -10.95 -13.23 -10.46
C GLY F 71 -10.32 -14.19 -9.46
N GLU F 72 -10.47 -13.93 -8.17
CA GLU F 72 -9.81 -14.78 -7.19
C GLU F 72 -10.03 -16.28 -7.38
N VAL F 73 -11.26 -16.67 -7.67
CA VAL F 73 -11.57 -18.08 -7.89
C VAL F 73 -12.48 -18.12 -9.06
N LYS F 74 -12.25 -19.11 -9.91
CA LYS F 74 -13.06 -19.35 -11.07
C LYS F 74 -13.57 -20.78 -11.05
N LYS F 75 -14.81 -20.96 -11.48
CA LYS F 75 -15.47 -22.26 -11.51
C LYS F 75 -15.03 -22.93 -12.76
N VAL F 76 -14.49 -24.14 -12.69
CA VAL F 76 -14.09 -24.79 -13.93
C VAL F 76 -15.14 -25.83 -14.24
N LYS F 77 -15.44 -25.98 -15.52
CA LYS F 77 -16.44 -26.90 -16.01
C LYS F 77 -16.22 -28.39 -15.77
N LYS F 78 -16.17 -28.74 -14.49
CA LYS F 78 -15.96 -30.09 -14.04
C LYS F 78 -16.59 -29.97 -12.66
N LYS F 79 -17.45 -30.91 -12.29
CA LYS F 79 -18.20 -30.90 -11.02
C LYS F 79 -17.84 -29.97 -9.84
N LEU F 80 -17.70 -30.48 -8.63
CA LEU F 80 -17.35 -29.59 -7.52
C LEU F 80 -15.91 -29.03 -7.68
N THR F 81 -15.55 -28.55 -8.87
CA THR F 81 -14.21 -28.06 -9.11
C THR F 81 -14.08 -26.58 -9.59
N TYR F 82 -13.18 -25.88 -8.89
CA TYR F 82 -12.86 -24.46 -9.09
C TYR F 82 -11.35 -24.28 -9.38
N GLN F 83 -10.89 -23.03 -9.42
CA GLN F 83 -9.48 -22.77 -9.70
C GLN F 83 -9.05 -21.39 -9.25
N PHE F 84 -8.03 -21.32 -8.41
CA PHE F 84 -7.51 -20.05 -7.90
C PHE F 84 -6.82 -19.26 -9.02
N SER F 85 -6.73 -17.94 -8.87
CA SER F 85 -6.00 -17.16 -9.84
C SER F 85 -4.51 -17.26 -9.44
N GLY F 86 -3.62 -17.07 -10.41
CA GLY F 86 -2.20 -17.16 -10.14
C GLY F 86 -1.76 -16.08 -9.18
N GLU F 87 -2.51 -14.99 -9.15
CA GLU F 87 -2.20 -13.89 -8.25
C GLU F 87 -2.40 -14.34 -6.82
N VAL F 88 -3.49 -15.05 -6.56
CA VAL F 88 -3.78 -15.51 -5.21
C VAL F 88 -2.93 -16.72 -4.83
N LEU F 89 -2.40 -17.43 -5.82
CA LEU F 89 -1.57 -18.60 -5.55
C LEU F 89 -0.11 -18.26 -5.17
#